data_7OUD
#
_entry.id   7OUD
#
_cell.length_a   45.666
_cell.length_b   103.747
_cell.length_c   69.005
_cell.angle_alpha   90.000
_cell.angle_beta   104.594
_cell.angle_gamma   90.000
#
_symmetry.space_group_name_H-M   'P 1 21 1'
#
loop_
_entity.id
_entity.type
_entity.pdbx_description
1 polymer 'FAD-dependent monooxygenase GrhO5'
2 non-polymer 'FLAVIN-ADENINE DINUCLEOTIDE'
3 non-polymer Collinone
4 water water
#
_entity_poly.entity_id   1
_entity_poly.type   'polypeptide(L)'
_entity_poly.pdbx_seq_one_letter_code
;MSSSGTRVLIVGGSLVGLSTAVFLAHHDVPVTLVERHPGTSIHPRAVGYYPRTAELLATVGVEAPAKAAASGFEKHRTRA
GVESLAGEVLFSKEELEGGDELADLTPSSLLLLPQDRLEPILRARAEELGAELRFGAELRSFTQDADGVSAVVRDADGGE
SVVRADYLVAADGPRSTVREALGIGREGRGVLSRHVSIAFGADFAAVLGERRYSVVHVQNDRVTGILVHDDTLTEGTLIV
GYDPEKGEGLDDFTDARCAELVSAAIGSDDVAVTIRSRFPWDMAELVADAFVSDRVLVAGDAAHQIPPTGGYGANTGIAD
AFNLSWKLAHVLAGTAGRALLDTYDEERRPVGLYTARQGSLQLAVRSRTATEEQREAAHDAMRVTMGQAYPSGAFVADAG
ADPLPLTSDPRTLRGEPGTRAPYVVLERDGAPLSTLDLFGDGFVLLVGADGGSWAEAAGEAAAGLGVGIAFHRVAPDAGE
GRPVDVHGRWAEAYGVGAAGAVLVRPDGIVAWRSRDGMPGGAGGRALTAALRTVLAR
;
_entity_poly.pdbx_strand_id   AAA
#
# COMPACT_ATOMS: atom_id res chain seq x y z
N GLY A 5 20.92 -0.09 18.72
CA GLY A 5 21.02 1.04 17.74
C GLY A 5 19.82 1.09 16.80
N THR A 6 19.56 0.01 16.06
CA THR A 6 18.51 -0.10 15.01
C THR A 6 17.49 -1.19 15.37
N ARG A 7 16.21 -0.85 15.38
CA ARG A 7 15.17 -1.59 16.14
C ARG A 7 14.28 -2.38 15.18
N VAL A 8 13.87 -1.83 14.03
CA VAL A 8 13.17 -2.62 12.97
C VAL A 8 14.07 -2.65 11.74
N LEU A 9 14.44 -3.87 11.30
CA LEU A 9 15.12 -4.09 10.01
C LEU A 9 14.04 -4.38 8.96
N ILE A 10 14.10 -3.65 7.85
CA ILE A 10 13.27 -3.93 6.66
C ILE A 10 14.17 -4.60 5.63
N VAL A 11 13.72 -5.64 4.96
CA VAL A 11 14.43 -6.22 3.78
C VAL A 11 13.64 -5.85 2.53
N GLY A 12 14.27 -5.20 1.56
CA GLY A 12 13.61 -4.72 0.34
C GLY A 12 13.37 -3.23 0.44
N GLY A 13 13.93 -2.48 -0.50
CA GLY A 13 13.70 -1.04 -0.64
C GLY A 13 13.01 -0.79 -1.94
N SER A 14 12.10 -1.68 -2.32
CA SER A 14 11.04 -1.38 -3.31
C SER A 14 9.85 -0.75 -2.55
N LEU A 15 8.67 -0.74 -3.13
CA LEU A 15 7.51 0.08 -2.67
C LEU A 15 7.17 -0.19 -1.20
N VAL A 16 6.99 -1.46 -0.83
CA VAL A 16 6.45 -1.85 0.51
C VAL A 16 7.53 -1.64 1.59
N GLY A 17 8.77 -2.07 1.33
CA GLY A 17 9.89 -1.87 2.26
C GLY A 17 10.04 -0.38 2.58
N LEU A 18 9.99 0.47 1.56
CA LEU A 18 10.07 1.95 1.69
C LEU A 18 8.80 2.55 2.31
N SER A 19 7.60 2.08 1.96
CA SER A 19 6.35 2.53 2.63
C SER A 19 6.50 2.15 4.12
N THR A 20 7.15 1.03 4.40
CA THR A 20 7.40 0.59 5.79
C THR A 20 8.37 1.59 6.45
N ALA A 21 9.50 1.88 5.83
CA ALA A 21 10.50 2.84 6.35
C ALA A 21 9.82 4.16 6.69
N VAL A 22 8.95 4.65 5.81
CA VAL A 22 8.28 5.98 5.95
C VAL A 22 7.30 5.91 7.10
N PHE A 23 6.57 4.82 7.19
CA PHE A 23 5.53 4.65 8.23
C PHE A 23 6.20 4.45 9.60
N LEU A 24 7.18 3.55 9.71
CA LEU A 24 7.91 3.34 10.99
C LEU A 24 8.63 4.63 11.39
N ALA A 25 9.33 5.29 10.48
CA ALA A 25 10.06 6.54 10.76
C ALA A 25 9.05 7.64 11.06
N HIS A 26 7.90 7.67 10.39
CA HIS A 26 6.80 8.59 10.79
C HIS A 26 6.59 8.42 12.31
N HIS A 27 6.50 7.16 12.79
CA HIS A 27 6.10 6.86 14.20
C HIS A 27 7.34 6.83 15.13
N ASP A 28 8.45 7.44 14.73
CA ASP A 28 9.67 7.62 15.57
C ASP A 28 10.29 6.26 15.92
N VAL A 29 10.07 5.24 15.07
CA VAL A 29 10.72 3.90 15.17
C VAL A 29 12.04 3.97 14.42
N PRO A 30 13.17 3.68 15.11
CA PRO A 30 14.45 3.51 14.42
C PRO A 30 14.36 2.36 13.41
N VAL A 31 14.50 2.65 12.11
CA VAL A 31 14.47 1.64 11.02
C VAL A 31 15.84 1.64 10.34
N THR A 32 16.37 0.45 10.07
CA THR A 32 17.38 0.17 9.02
C THR A 32 16.66 -0.62 7.93
N LEU A 33 16.76 -0.19 6.67
CA LEU A 33 16.28 -0.93 5.50
C LEU A 33 17.52 -1.41 4.74
N VAL A 34 17.45 -2.62 4.17
CA VAL A 34 18.52 -3.16 3.26
C VAL A 34 17.88 -3.50 1.92
N GLU A 35 18.54 -3.12 0.83
CA GLU A 35 18.11 -3.41 -0.56
C GLU A 35 19.34 -3.86 -1.34
N ARG A 36 19.32 -5.09 -1.86
CA ARG A 36 20.50 -5.67 -2.53
C ARG A 36 20.89 -4.82 -3.74
N HIS A 37 19.96 -4.12 -4.41
CA HIS A 37 20.25 -3.32 -5.64
C HIS A 37 20.81 -1.97 -5.19
N PRO A 38 21.66 -1.32 -6.03
CA PRO A 38 22.32 -0.07 -5.65
C PRO A 38 21.38 1.15 -5.56
N GLY A 39 20.11 0.99 -5.93
CA GLY A 39 19.10 2.05 -5.82
C GLY A 39 17.71 1.50 -6.05
N THR A 40 16.73 2.37 -6.23
CA THR A 40 15.34 1.99 -6.57
C THR A 40 15.26 1.74 -8.09
N SER A 41 14.48 0.75 -8.49
CA SER A 41 14.43 0.28 -9.90
C SER A 41 13.87 1.41 -10.76
N ILE A 42 14.45 1.61 -11.94
CA ILE A 42 13.93 2.56 -12.96
C ILE A 42 12.68 1.97 -13.64
N HIS A 43 12.33 0.68 -13.45
CA HIS A 43 11.14 0.10 -14.13
C HIS A 43 9.85 0.70 -13.58
N PRO A 44 8.84 0.94 -14.45
CA PRO A 44 7.56 1.53 -14.06
C PRO A 44 6.65 0.66 -13.17
N ARG A 45 6.57 -0.64 -13.48
CA ARG A 45 5.94 -1.66 -12.62
C ARG A 45 4.47 -1.27 -12.38
N ALA A 46 4.01 -1.21 -11.12
CA ALA A 46 2.62 -0.83 -10.79
C ALA A 46 2.46 0.68 -10.96
N VAL A 47 1.50 1.12 -11.78
CA VAL A 47 1.39 2.56 -12.12
C VAL A 47 0.17 3.23 -11.45
N GLY A 48 -0.84 2.53 -10.98
CA GLY A 48 -2.04 3.19 -10.39
C GLY A 48 -2.12 3.05 -8.87
N TYR A 49 -2.25 4.15 -8.14
CA TYR A 49 -2.41 4.13 -6.66
C TYR A 49 -3.79 4.70 -6.32
N TYR A 50 -4.66 3.86 -5.76
CA TYR A 50 -6.10 4.22 -5.60
C TYR A 50 -6.25 5.24 -4.47
N PRO A 51 -7.40 5.95 -4.43
CA PRO A 51 -7.61 7.00 -3.44
C PRO A 51 -7.23 6.58 -2.01
N ARG A 52 -7.69 5.41 -1.57
CA ARG A 52 -7.38 4.94 -0.19
C ARG A 52 -5.86 4.96 0.00
N THR A 53 -5.11 4.44 -0.95
CA THR A 53 -3.62 4.40 -0.91
C THR A 53 -3.09 5.82 -0.80
N ALA A 54 -3.69 6.73 -1.56
CA ALA A 54 -3.30 8.17 -1.61
C ALA A 54 -3.52 8.76 -0.23
N GLU A 55 -4.62 8.36 0.42
CA GLU A 55 -4.96 8.88 1.76
C GLU A 55 -3.87 8.41 2.73
N LEU A 56 -3.57 7.12 2.68
CA LEU A 56 -2.48 6.54 3.49
C LEU A 56 -1.25 7.43 3.32
N LEU A 57 -0.89 7.71 2.06
CA LEU A 57 0.33 8.49 1.72
C LEU A 57 0.21 9.92 2.24
N ALA A 58 -1.01 10.48 2.27
CA ALA A 58 -1.28 11.85 2.75
C ALA A 58 -0.71 12.02 4.15
N THR A 59 -0.94 11.05 5.03
CA THR A 59 -0.54 11.04 6.46
C THR A 59 0.97 11.21 6.61
N VAL A 60 1.75 11.01 5.55
CA VAL A 60 3.24 11.12 5.65
C VAL A 60 3.77 12.12 4.63
N GLY A 61 2.90 12.97 4.08
CA GLY A 61 3.31 14.06 3.16
C GLY A 61 3.74 13.55 1.79
N VAL A 62 3.31 12.34 1.40
CA VAL A 62 3.81 11.72 0.13
C VAL A 62 2.78 11.98 -0.99
N GLU A 63 1.49 12.16 -0.68
CA GLU A 63 0.45 12.37 -1.72
C GLU A 63 0.78 13.59 -2.59
N ALA A 64 1.03 14.74 -1.99
CA ALA A 64 1.16 16.00 -2.75
C ALA A 64 2.33 15.86 -3.73
N PRO A 65 3.58 15.53 -3.31
CA PRO A 65 4.67 15.33 -4.27
C PRO A 65 4.40 14.28 -5.36
N ALA A 66 3.77 13.16 -4.99
CA ALA A 66 3.36 12.08 -5.92
C ALA A 66 2.29 12.57 -6.90
N LYS A 67 1.31 13.37 -6.46
CA LYS A 67 0.31 13.98 -7.38
C LYS A 67 1.05 14.92 -8.37
N ALA A 68 2.02 15.70 -7.88
CA ALA A 68 2.83 16.63 -8.70
C ALA A 68 3.64 15.80 -9.73
N ALA A 69 4.29 14.72 -9.30
CA ALA A 69 5.10 13.83 -10.17
C ALA A 69 4.19 13.07 -11.14
N ALA A 70 2.88 13.06 -10.90
CA ALA A 70 1.89 12.33 -11.71
C ALA A 70 1.27 13.21 -12.81
N SER A 71 1.31 14.54 -12.74
CA SER A 71 0.57 15.39 -13.73
C SER A 71 1.23 15.26 -15.10
N GLY A 72 2.53 14.97 -15.15
CA GLY A 72 3.30 14.71 -16.38
C GLY A 72 2.68 13.59 -17.18
N PHE A 73 2.16 12.56 -16.50
CA PHE A 73 1.62 11.33 -17.10
C PHE A 73 0.12 11.44 -17.32
N GLU A 74 -0.53 12.47 -16.77
CA GLU A 74 -2.01 12.64 -16.84
C GLU A 74 -2.41 12.83 -18.30
N LYS A 75 -1.53 13.42 -19.10
CA LYS A 75 -1.71 13.60 -20.56
C LYS A 75 -1.77 12.23 -21.26
N HIS A 76 -1.07 11.21 -20.72
CA HIS A 76 -0.90 9.85 -21.32
C HIS A 76 -2.24 9.08 -21.27
N ARG A 77 -3.17 9.41 -22.16
CA ARG A 77 -4.61 9.06 -22.03
C ARG A 77 -4.98 7.91 -22.98
N THR A 78 -4.10 7.51 -23.89
CA THR A 78 -4.44 6.64 -25.04
C THR A 78 -3.83 5.26 -24.82
N ARG A 79 -4.64 4.20 -24.94
CA ARG A 79 -4.22 2.78 -24.97
C ARG A 79 -4.30 2.32 -26.42
N ALA A 80 -3.26 1.64 -26.95
CA ALA A 80 -3.26 1.20 -28.36
C ALA A 80 -2.55 -0.14 -28.53
N GLY A 81 -2.89 -0.81 -29.61
CA GLY A 81 -2.24 -2.04 -30.08
C GLY A 81 -1.70 -1.74 -31.44
N VAL A 82 -0.41 -2.03 -31.66
CA VAL A 82 0.37 -1.59 -32.85
C VAL A 82 1.24 -2.77 -33.28
N GLU A 83 1.72 -2.73 -34.53
CA GLU A 83 2.76 -3.65 -35.07
C GLU A 83 4.11 -3.24 -34.48
N SER A 84 4.32 -1.93 -34.40
CA SER A 84 5.47 -1.26 -33.73
C SER A 84 5.05 0.19 -33.51
N LEU A 85 5.65 0.87 -32.54
CA LEU A 85 5.34 2.27 -32.20
C LEU A 85 5.48 3.13 -33.47
N ALA A 86 6.47 2.85 -34.33
CA ALA A 86 6.75 3.63 -35.56
C ALA A 86 5.87 3.10 -36.72
N GLY A 87 5.31 1.90 -36.58
CA GLY A 87 4.49 1.22 -37.60
C GLY A 87 3.00 1.44 -37.40
N GLU A 88 2.19 0.43 -37.71
CA GLU A 88 0.74 0.58 -37.94
C GLU A 88 -0.02 0.38 -36.63
N VAL A 89 -0.91 1.32 -36.32
CA VAL A 89 -1.90 1.26 -35.21
C VAL A 89 -2.98 0.26 -35.62
N LEU A 90 -3.23 -0.76 -34.80
CA LEU A 90 -4.31 -1.75 -35.03
C LEU A 90 -5.58 -1.26 -34.34
N PHE A 91 -5.48 -0.84 -33.07
CA PHE A 91 -6.61 -0.24 -32.30
C PHE A 91 -6.04 0.88 -31.42
N SER A 92 -6.92 1.81 -31.04
CA SER A 92 -6.61 2.93 -30.12
C SER A 92 -7.89 3.41 -29.42
N LYS A 93 -7.80 3.69 -28.14
CA LYS A 93 -8.95 4.04 -27.25
C LYS A 93 -8.48 5.13 -26.27
N GLU A 94 -9.41 5.80 -25.59
CA GLU A 94 -9.12 6.89 -24.62
C GLU A 94 -9.68 6.51 -23.24
N GLU A 101 -14.25 6.71 -7.13
CA GLU A 101 -13.84 7.77 -6.16
C GLU A 101 -15.03 8.71 -5.95
N LEU A 102 -14.89 10.00 -6.29
CA LEU A 102 -15.90 11.09 -6.21
C LEU A 102 -15.93 11.64 -4.78
N ALA A 103 -16.27 12.92 -4.71
CA ALA A 103 -15.83 13.88 -3.68
C ALA A 103 -16.62 13.68 -2.37
N ASP A 104 -17.73 12.93 -2.37
CA ASP A 104 -18.48 12.64 -1.11
C ASP A 104 -17.75 11.56 -0.30
N LEU A 105 -16.91 10.74 -0.93
CA LEU A 105 -16.29 9.55 -0.28
C LEU A 105 -14.85 9.87 0.12
N THR A 106 -14.11 10.54 -0.76
CA THR A 106 -12.63 10.65 -0.67
C THR A 106 -12.20 12.02 -1.20
N PRO A 107 -11.19 12.63 -0.57
CA PRO A 107 -10.55 13.84 -1.08
C PRO A 107 -9.47 13.50 -2.12
N SER A 108 -9.14 12.21 -2.24
CA SER A 108 -8.06 11.69 -3.10
C SER A 108 -8.67 11.20 -4.42
N SER A 109 -7.88 11.26 -5.49
CA SER A 109 -8.16 10.60 -6.80
C SER A 109 -7.06 9.57 -7.07
N LEU A 110 -7.32 8.71 -8.05
CA LEU A 110 -6.36 7.73 -8.62
C LEU A 110 -5.09 8.49 -9.01
N LEU A 111 -3.97 8.10 -8.38
CA LEU A 111 -2.61 8.63 -8.60
C LEU A 111 -1.94 7.83 -9.74
N LEU A 112 -1.92 8.35 -10.97
CA LEU A 112 -1.33 7.67 -12.15
C LEU A 112 0.16 7.99 -12.18
N LEU A 113 0.95 7.20 -11.45
CA LEU A 113 2.38 7.45 -11.21
C LEU A 113 3.10 6.11 -11.21
N PRO A 114 4.09 5.87 -12.09
CA PRO A 114 4.91 4.65 -12.01
C PRO A 114 5.69 4.55 -10.69
N GLN A 115 5.98 3.33 -10.28
CA GLN A 115 6.68 3.03 -9.01
C GLN A 115 8.05 3.67 -8.97
N ASP A 116 8.70 3.82 -10.13
CA ASP A 116 10.09 4.34 -10.19
C ASP A 116 10.07 5.85 -9.90
N ARG A 117 8.90 6.48 -9.96
CA ARG A 117 8.69 7.89 -9.54
C ARG A 117 8.16 7.94 -8.10
N LEU A 118 7.27 7.03 -7.69
CA LEU A 118 6.73 7.07 -6.30
C LEU A 118 7.84 6.67 -5.33
N GLU A 119 8.73 5.75 -5.72
CA GLU A 119 9.73 5.13 -4.82
C GLU A 119 10.72 6.19 -4.34
N PRO A 120 11.42 6.91 -5.26
CA PRO A 120 12.31 7.99 -4.84
C PRO A 120 11.63 8.97 -3.87
N ILE A 121 10.35 9.31 -4.07
CA ILE A 121 9.59 10.16 -3.11
C ILE A 121 9.62 9.50 -1.73
N LEU A 122 9.26 8.22 -1.66
CA LEU A 122 9.20 7.48 -0.38
C LEU A 122 10.61 7.43 0.19
N ARG A 123 11.61 7.21 -0.67
CA ARG A 123 13.04 7.17 -0.26
C ARG A 123 13.38 8.49 0.45
N ALA A 124 13.16 9.62 -0.23
CA ALA A 124 13.42 10.99 0.29
C ALA A 124 12.74 11.14 1.66
N ARG A 125 11.44 10.85 1.75
CA ARG A 125 10.63 11.07 2.97
C ARG A 125 11.14 10.19 4.12
N ALA A 126 11.48 8.94 3.85
CA ALA A 126 12.08 7.99 4.84
C ALA A 126 13.38 8.60 5.38
N GLU A 127 14.21 9.13 4.49
CA GLU A 127 15.53 9.73 4.86
C GLU A 127 15.26 10.95 5.75
N GLU A 128 14.29 11.78 5.38
CA GLU A 128 13.91 13.00 6.15
C GLU A 128 13.47 12.61 7.57
N LEU A 129 12.70 11.54 7.70
CA LEU A 129 12.12 11.15 9.01
C LEU A 129 13.14 10.34 9.83
N GLY A 130 14.33 10.08 9.28
CA GLY A 130 15.50 9.53 9.99
C GLY A 130 15.68 8.02 9.83
N ALA A 131 15.08 7.41 8.80
CA ALA A 131 15.29 5.97 8.49
C ALA A 131 16.70 5.80 7.90
N GLU A 132 17.43 4.74 8.23
CA GLU A 132 18.77 4.41 7.67
C GLU A 132 18.57 3.45 6.48
N LEU A 133 18.86 3.91 5.27
CA LEU A 133 18.58 3.15 4.01
C LEU A 133 19.92 2.72 3.42
N ARG A 134 20.22 1.44 3.53
CA ARG A 134 21.47 0.83 3.03
C ARG A 134 21.10 0.10 1.74
N PHE A 135 21.28 0.76 0.60
CA PHE A 135 21.19 0.15 -0.74
C PHE A 135 22.52 -0.57 -1.06
N GLY A 136 22.47 -1.50 -2.01
CA GLY A 136 23.61 -2.35 -2.38
C GLY A 136 24.00 -3.25 -1.22
N ALA A 137 23.03 -3.57 -0.36
CA ALA A 137 23.18 -4.36 0.87
C ALA A 137 22.19 -5.53 0.87
N GLU A 138 22.70 -6.76 0.99
CA GLU A 138 21.95 -8.02 0.77
C GLU A 138 21.79 -8.74 2.11
N LEU A 139 20.56 -9.03 2.51
CA LEU A 139 20.30 -9.99 3.61
C LEU A 139 20.64 -11.40 3.13
N ARG A 140 21.60 -12.05 3.78
CA ARG A 140 22.10 -13.40 3.39
C ARG A 140 21.25 -14.48 4.06
N SER A 141 21.06 -14.31 5.36
CA SER A 141 20.35 -15.21 6.28
C SER A 141 20.08 -14.43 7.56
N PHE A 142 19.18 -14.94 8.39
CA PHE A 142 18.80 -14.31 9.68
C PHE A 142 18.44 -15.45 10.64
N THR A 143 18.52 -15.17 11.92
CA THR A 143 18.01 -16.04 13.01
C THR A 143 17.18 -15.15 13.93
N GLN A 144 16.25 -15.73 14.66
CA GLN A 144 15.46 -14.94 15.64
C GLN A 144 15.47 -15.71 16.95
N ASP A 145 15.46 -14.99 18.06
CA ASP A 145 15.39 -15.58 19.42
C ASP A 145 14.19 -14.94 20.13
N ALA A 146 14.14 -15.05 21.45
CA ALA A 146 13.05 -14.50 22.28
C ALA A 146 13.16 -12.97 22.26
N ASP A 147 14.39 -12.44 22.14
CA ASP A 147 14.72 -11.02 22.44
C ASP A 147 14.80 -10.18 21.16
N GLY A 148 14.96 -10.78 19.98
CA GLY A 148 15.13 -10.05 18.70
C GLY A 148 15.48 -10.93 17.52
N VAL A 149 16.08 -10.33 16.49
CA VAL A 149 16.45 -10.93 15.18
C VAL A 149 17.90 -10.53 14.82
N SER A 150 18.73 -11.50 14.45
CA SER A 150 20.12 -11.31 13.99
C SER A 150 20.17 -11.64 12.50
N ALA A 151 20.53 -10.65 11.67
CA ALA A 151 20.48 -10.72 10.19
C ALA A 151 21.89 -10.49 9.64
N VAL A 152 22.34 -11.38 8.74
CA VAL A 152 23.66 -11.28 8.08
C VAL A 152 23.45 -10.45 6.82
N VAL A 153 24.08 -9.26 6.81
CA VAL A 153 24.06 -8.31 5.66
C VAL A 153 25.44 -8.31 5.01
N ARG A 154 25.46 -8.55 3.70
CA ARG A 154 26.65 -8.38 2.86
C ARG A 154 26.46 -7.06 2.11
N ASP A 155 27.42 -6.15 2.22
CA ASP A 155 27.36 -4.80 1.59
C ASP A 155 27.73 -4.92 0.09
N ALA A 156 27.85 -3.78 -0.59
CA ALA A 156 28.29 -3.67 -1.99
C ALA A 156 29.76 -4.12 -2.14
N ASP A 157 30.62 -3.74 -1.18
CA ASP A 157 32.06 -4.12 -1.11
C ASP A 157 32.23 -5.64 -0.88
N GLY A 158 31.16 -6.37 -0.52
CA GLY A 158 31.21 -7.82 -0.21
C GLY A 158 31.54 -8.08 1.26
N GLY A 159 31.56 -7.06 2.11
CA GLY A 159 31.80 -7.19 3.56
C GLY A 159 30.52 -7.54 4.29
N GLU A 160 30.58 -8.46 5.25
CA GLU A 160 29.40 -8.91 6.03
C GLU A 160 29.43 -8.31 7.43
N SER A 161 28.23 -8.13 7.99
CA SER A 161 27.99 -7.73 9.39
C SER A 161 26.67 -8.37 9.84
N VAL A 162 26.47 -8.42 11.15
CA VAL A 162 25.24 -8.92 11.79
C VAL A 162 24.52 -7.70 12.31
N VAL A 163 23.35 -7.39 11.73
CA VAL A 163 22.40 -6.36 12.24
C VAL A 163 21.48 -7.02 13.27
N ARG A 164 21.39 -6.43 14.47
CA ARG A 164 20.46 -6.84 15.54
C ARG A 164 19.24 -5.92 15.52
N ALA A 165 18.03 -6.50 15.46
CA ALA A 165 16.74 -5.78 15.46
C ALA A 165 15.75 -6.50 16.39
N ASP A 166 14.78 -5.75 16.89
CA ASP A 166 13.63 -6.28 17.66
C ASP A 166 12.76 -7.09 16.69
N TYR A 167 12.59 -6.59 15.47
CA TYR A 167 11.71 -7.21 14.46
C TYR A 167 12.29 -7.00 13.08
N LEU A 168 11.90 -7.90 12.18
CA LEU A 168 12.31 -7.95 10.78
C LEU A 168 11.02 -7.86 9.96
N VAL A 169 10.93 -6.92 9.03
CA VAL A 169 9.81 -6.88 8.05
C VAL A 169 10.37 -7.39 6.72
N ALA A 170 9.75 -8.44 6.20
CA ALA A 170 10.11 -9.07 4.93
C ALA A 170 9.36 -8.34 3.82
N ALA A 171 10.02 -7.43 3.12
CA ALA A 171 9.45 -6.72 1.96
C ALA A 171 10.27 -7.08 0.73
N ASP A 172 10.71 -8.36 0.67
CA ASP A 172 11.79 -8.85 -0.23
C ASP A 172 11.18 -9.53 -1.47
N GLY A 173 9.89 -9.36 -1.68
CA GLY A 173 9.23 -9.66 -2.97
C GLY A 173 8.78 -11.11 -3.11
N PRO A 174 8.39 -11.52 -4.34
CA PRO A 174 7.75 -12.80 -4.55
C PRO A 174 8.56 -14.04 -4.15
N ARG A 175 9.88 -14.01 -4.35
CA ARG A 175 10.78 -15.17 -4.05
C ARG A 175 11.40 -14.99 -2.66
N SER A 176 10.79 -14.14 -1.82
CA SER A 176 11.25 -13.80 -0.45
C SER A 176 12.01 -14.99 0.16
N THR A 177 13.34 -14.90 0.24
CA THR A 177 14.19 -15.87 0.99
C THR A 177 13.87 -15.85 2.50
N VAL A 178 13.18 -14.82 2.98
CA VAL A 178 12.73 -14.74 4.41
C VAL A 178 11.53 -15.69 4.60
N ARG A 179 10.42 -15.41 3.92
CA ARG A 179 9.23 -16.30 3.90
C ARG A 179 9.70 -17.77 3.81
N GLU A 180 10.65 -18.05 2.94
CA GLU A 180 11.10 -19.43 2.65
C GLU A 180 11.91 -19.90 3.85
N ALA A 181 12.90 -19.12 4.31
CA ALA A 181 13.67 -19.45 5.52
C ALA A 181 12.72 -19.81 6.67
N LEU A 182 11.59 -19.13 6.81
CA LEU A 182 10.63 -19.33 7.94
C LEU A 182 9.77 -20.59 7.73
N GLY A 183 9.70 -21.13 6.51
CA GLY A 183 8.90 -22.33 6.22
C GLY A 183 7.43 -21.97 6.04
N ILE A 184 7.11 -20.68 5.87
CA ILE A 184 5.74 -20.23 5.51
C ILE A 184 5.49 -20.67 4.07
N GLY A 185 4.49 -21.49 3.84
CA GLY A 185 4.09 -21.91 2.50
C GLY A 185 3.15 -20.90 1.89
N ARG A 186 2.61 -21.21 0.72
CA ARG A 186 1.69 -20.29 0.02
C ARG A 186 0.64 -21.12 -0.70
N GLU A 187 -0.55 -20.57 -0.78
CA GLU A 187 -1.69 -21.16 -1.50
C GLU A 187 -2.01 -20.20 -2.65
N GLY A 188 -2.79 -20.69 -3.60
CA GLY A 188 -3.36 -19.90 -4.71
C GLY A 188 -3.18 -20.65 -6.00
N ARG A 189 -3.73 -20.09 -7.08
CA ARG A 189 -3.72 -20.66 -8.45
C ARG A 189 -2.29 -20.69 -9.00
N GLY A 190 -1.35 -19.98 -8.36
CA GLY A 190 0.09 -20.08 -8.68
C GLY A 190 0.50 -19.14 -9.81
N VAL A 191 1.63 -19.42 -10.45
CA VAL A 191 2.24 -18.62 -11.56
C VAL A 191 1.45 -18.85 -12.84
N LEU A 192 0.82 -17.81 -13.41
CA LEU A 192 -0.03 -17.91 -14.62
C LEU A 192 0.88 -17.73 -15.85
N SER A 193 1.75 -16.73 -15.86
CA SER A 193 2.66 -16.44 -17.00
C SER A 193 3.95 -15.79 -16.49
N ARG A 194 5.04 -16.07 -17.20
CA ARG A 194 6.39 -15.58 -16.89
C ARG A 194 6.72 -14.48 -17.88
N HIS A 195 7.25 -13.34 -17.40
CA HIS A 195 7.58 -12.16 -18.22
C HIS A 195 8.90 -11.59 -17.78
N VAL A 196 9.49 -10.77 -18.65
CA VAL A 196 10.72 -9.97 -18.41
C VAL A 196 10.35 -8.52 -18.67
N SER A 197 10.74 -7.63 -17.75
CA SER A 197 10.64 -6.16 -17.91
C SER A 197 11.99 -5.65 -18.40
N ILE A 198 11.99 -5.03 -19.58
CA ILE A 198 13.19 -4.40 -20.22
C ILE A 198 13.03 -2.89 -20.14
N ALA A 199 13.77 -2.24 -19.22
CA ALA A 199 13.93 -0.77 -19.14
C ALA A 199 15.01 -0.35 -20.13
N PHE A 200 14.78 0.72 -20.87
CA PHE A 200 15.74 1.28 -21.84
C PHE A 200 15.56 2.80 -21.95
N GLY A 201 16.60 3.49 -22.43
CA GLY A 201 16.51 4.89 -22.87
C GLY A 201 16.28 4.97 -24.37
N ALA A 202 15.36 5.83 -24.81
CA ALA A 202 15.14 6.09 -26.25
C ALA A 202 14.50 7.47 -26.44
N ASP A 203 14.67 8.00 -27.65
CA ASP A 203 14.05 9.24 -28.13
C ASP A 203 12.63 8.94 -28.61
N PHE A 204 11.74 8.77 -27.65
CA PHE A 204 10.32 8.50 -27.92
C PHE A 204 9.69 9.60 -28.76
N ALA A 205 10.02 10.88 -28.49
CA ALA A 205 9.41 12.04 -29.18
C ALA A 205 9.49 11.85 -30.71
N ALA A 206 10.67 11.48 -31.22
CA ALA A 206 10.97 11.41 -32.66
C ALA A 206 10.07 10.37 -33.34
N VAL A 207 9.58 9.38 -32.59
CA VAL A 207 8.66 8.36 -33.16
C VAL A 207 7.21 8.62 -32.72
N LEU A 208 6.96 9.17 -31.52
CA LEU A 208 5.60 9.45 -31.00
C LEU A 208 4.96 10.62 -31.76
N GLY A 209 5.71 11.67 -32.06
CA GLY A 209 5.11 12.92 -32.54
C GLY A 209 4.30 13.58 -31.43
N GLU A 210 3.04 13.91 -31.68
CA GLU A 210 2.13 14.45 -30.62
C GLU A 210 1.41 13.32 -29.88
N ARG A 211 1.50 12.07 -30.35
CA ARG A 211 0.89 10.90 -29.68
C ARG A 211 1.47 10.74 -28.26
N ARG A 212 0.61 10.47 -27.28
CA ARG A 212 0.98 10.10 -25.90
C ARG A 212 0.12 8.90 -25.51
N TYR A 213 0.74 7.80 -25.12
CA TYR A 213 0.06 6.57 -24.64
C TYR A 213 0.24 6.36 -23.13
N SER A 214 -0.79 5.82 -22.47
CA SER A 214 -0.66 5.11 -21.18
C SER A 214 0.22 3.87 -21.41
N VAL A 215 -0.21 2.98 -22.31
CA VAL A 215 0.44 1.68 -22.60
C VAL A 215 0.07 1.25 -24.03
N VAL A 216 1.03 0.61 -24.71
CA VAL A 216 0.93 0.13 -26.11
C VAL A 216 1.15 -1.38 -26.15
N HIS A 217 0.21 -2.15 -26.70
CA HIS A 217 0.39 -3.62 -26.92
C HIS A 217 1.09 -3.76 -28.26
N VAL A 218 2.29 -4.32 -28.24
CA VAL A 218 3.14 -4.49 -29.46
C VAL A 218 2.96 -5.93 -29.92
N GLN A 219 2.73 -6.11 -31.22
CA GLN A 219 2.60 -7.45 -31.85
C GLN A 219 3.05 -7.42 -33.32
N ASN A 220 4.19 -8.07 -33.58
CA ASN A 220 4.85 -8.27 -34.91
C ASN A 220 5.67 -9.58 -34.86
N ASP A 221 6.17 -10.05 -36.01
CA ASP A 221 6.87 -11.35 -36.16
C ASP A 221 7.94 -11.55 -35.09
N ARG A 222 8.56 -10.47 -34.60
CA ARG A 222 9.84 -10.53 -33.83
C ARG A 222 9.60 -10.23 -32.34
N VAL A 223 8.48 -9.59 -31.97
CA VAL A 223 8.14 -9.36 -30.53
C VAL A 223 6.64 -9.17 -30.34
N THR A 224 6.15 -9.78 -29.28
CA THR A 224 4.86 -9.47 -28.62
C THR A 224 5.20 -8.96 -27.24
N GLY A 225 4.52 -7.94 -26.76
CA GLY A 225 4.71 -7.45 -25.38
C GLY A 225 4.02 -6.13 -25.11
N ILE A 226 4.28 -5.58 -23.92
CA ILE A 226 3.60 -4.37 -23.42
C ILE A 226 4.66 -3.27 -23.34
N LEU A 227 4.44 -2.19 -24.07
CA LEU A 227 5.40 -1.06 -24.25
C LEU A 227 4.84 0.16 -23.52
N VAL A 228 5.61 0.71 -22.59
CA VAL A 228 5.24 1.91 -21.78
C VAL A 228 6.24 3.03 -22.13
N HIS A 229 5.82 4.30 -22.20
CA HIS A 229 6.75 5.46 -22.18
C HIS A 229 6.46 6.39 -20.99
N ASP A 230 7.51 7.00 -20.43
CA ASP A 230 7.42 7.94 -19.28
C ASP A 230 6.90 9.32 -19.75
N ASP A 231 6.84 10.30 -18.85
CA ASP A 231 6.28 11.66 -19.12
C ASP A 231 7.26 12.45 -20.01
N THR A 232 8.57 12.18 -19.90
CA THR A 232 9.68 12.92 -20.53
C THR A 232 9.96 12.40 -21.94
N LEU A 233 9.45 11.22 -22.28
CA LEU A 233 9.61 10.58 -23.62
C LEU A 233 11.08 10.16 -23.84
N THR A 234 11.79 9.86 -22.74
CA THR A 234 13.21 9.41 -22.74
C THR A 234 13.36 8.00 -22.12
N GLU A 235 12.42 7.58 -21.28
CA GLU A 235 12.53 6.31 -20.53
C GLU A 235 11.34 5.45 -20.98
N GLY A 236 11.63 4.19 -21.26
CA GLY A 236 10.62 3.24 -21.76
C GLY A 236 10.82 1.87 -21.17
N THR A 237 9.75 1.09 -21.14
CA THR A 237 9.79 -0.31 -20.65
C THR A 237 9.09 -1.18 -21.69
N LEU A 238 9.66 -2.33 -21.95
CA LEU A 238 9.01 -3.38 -22.76
C LEU A 238 8.91 -4.64 -21.90
N ILE A 239 7.68 -5.08 -21.62
CA ILE A 239 7.37 -6.29 -20.81
C ILE A 239 7.05 -7.42 -21.79
N VAL A 240 7.80 -8.52 -21.77
CA VAL A 240 7.56 -9.61 -22.75
C VAL A 240 7.38 -10.95 -22.02
N GLY A 241 6.52 -11.80 -22.58
CA GLY A 241 6.40 -13.21 -22.20
C GLY A 241 7.65 -13.99 -22.55
N TYR A 242 7.84 -15.12 -21.88
CA TYR A 242 8.67 -16.24 -22.35
C TYR A 242 7.94 -17.51 -21.91
N ASP A 243 8.08 -18.57 -22.73
CA ASP A 243 7.41 -19.88 -22.55
C ASP A 243 8.43 -20.91 -22.07
N PRO A 244 8.42 -21.31 -20.77
CA PRO A 244 9.29 -22.39 -20.31
C PRO A 244 8.97 -23.77 -20.92
N GLU A 245 7.81 -23.96 -21.54
CA GLU A 245 7.47 -25.20 -22.32
C GLU A 245 8.37 -25.30 -23.56
N LYS A 246 8.89 -24.17 -24.04
CA LYS A 246 9.77 -24.08 -25.23
C LYS A 246 11.23 -24.10 -24.74
N GLY A 247 11.43 -24.20 -23.43
CA GLY A 247 12.76 -24.20 -22.78
C GLY A 247 13.39 -22.82 -22.73
N GLU A 248 12.61 -21.76 -22.98
CA GLU A 248 13.06 -20.35 -22.80
C GLU A 248 13.11 -20.00 -21.31
N GLY A 249 14.08 -19.19 -20.92
CA GLY A 249 14.21 -18.68 -19.53
C GLY A 249 14.65 -17.23 -19.52
N LEU A 250 14.86 -16.68 -18.32
CA LEU A 250 15.36 -15.29 -18.12
C LEU A 250 16.72 -15.13 -18.80
N ASP A 251 17.59 -16.13 -18.73
CA ASP A 251 19.03 -16.00 -19.10
C ASP A 251 19.17 -15.90 -20.64
N ASP A 252 18.08 -16.09 -21.38
CA ASP A 252 17.97 -15.81 -22.84
C ASP A 252 17.84 -14.32 -23.13
N PHE A 253 17.51 -13.50 -22.12
CA PHE A 253 17.32 -12.02 -22.25
C PHE A 253 18.66 -11.33 -21.96
N THR A 254 19.65 -11.62 -22.82
CA THR A 254 20.99 -10.97 -22.87
C THR A 254 20.82 -9.56 -23.42
N ASP A 255 21.79 -8.67 -23.24
CA ASP A 255 21.58 -7.24 -23.61
C ASP A 255 21.42 -7.16 -25.13
N ALA A 256 22.17 -7.97 -25.87
CA ALA A 256 21.94 -8.22 -27.31
C ALA A 256 20.44 -8.51 -27.55
N ARG A 257 19.90 -9.59 -26.96
CA ARG A 257 18.47 -10.00 -27.13
C ARG A 257 17.54 -8.86 -26.73
N CYS A 258 17.83 -8.20 -25.61
CA CYS A 258 16.98 -7.10 -25.09
C CYS A 258 16.96 -5.97 -26.11
N ALA A 259 18.12 -5.61 -26.64
CA ALA A 259 18.19 -4.53 -27.65
C ALA A 259 17.32 -4.91 -28.85
N GLU A 260 17.35 -6.19 -29.25
CA GLU A 260 16.67 -6.63 -30.49
C GLU A 260 15.16 -6.50 -30.31
N LEU A 261 14.63 -6.97 -29.16
CA LEU A 261 13.18 -6.91 -28.84
C LEU A 261 12.74 -5.45 -28.90
N VAL A 262 13.37 -4.59 -28.10
CA VAL A 262 13.04 -3.15 -27.95
C VAL A 262 13.04 -2.51 -29.32
N SER A 263 14.07 -2.77 -30.12
CA SER A 263 14.20 -2.15 -31.47
C SER A 263 13.06 -2.63 -32.37
N ALA A 264 12.60 -3.88 -32.26
CA ALA A 264 11.49 -4.39 -33.08
C ALA A 264 10.14 -3.82 -32.58
N ALA A 265 10.03 -3.53 -31.29
CA ALA A 265 8.87 -2.86 -30.65
C ALA A 265 8.80 -1.40 -31.10
N ILE A 266 9.94 -0.70 -31.14
CA ILE A 266 9.99 0.69 -31.68
C ILE A 266 9.66 0.67 -33.17
N GLY A 267 10.31 -0.21 -33.93
CA GLY A 267 10.17 -0.34 -35.40
C GLY A 267 10.76 0.84 -36.16
N SER A 268 11.97 1.31 -35.80
CA SER A 268 12.62 2.49 -36.44
C SER A 268 13.99 2.15 -37.04
N ASP A 269 14.93 1.69 -36.20
CA ASP A 269 16.39 1.53 -36.48
C ASP A 269 17.08 2.86 -36.11
N ASP A 270 16.50 4.00 -36.53
CA ASP A 270 17.15 5.33 -36.38
C ASP A 270 17.10 5.80 -34.92
N VAL A 271 16.19 5.25 -34.11
CA VAL A 271 16.10 5.51 -32.65
C VAL A 271 17.19 4.70 -31.95
N ALA A 272 18.14 5.39 -31.31
CA ALA A 272 19.23 4.82 -30.48
C ALA A 272 18.61 4.30 -29.20
N VAL A 273 18.80 3.03 -28.91
CA VAL A 273 18.23 2.37 -27.71
C VAL A 273 19.40 2.06 -26.77
N THR A 274 19.26 2.41 -25.50
CA THR A 274 20.16 2.04 -24.41
C THR A 274 19.35 1.25 -23.39
N ILE A 275 19.53 -0.07 -23.35
CA ILE A 275 18.98 -1.00 -22.32
C ILE A 275 19.62 -0.61 -20.99
N ARG A 276 18.82 -0.36 -19.98
CA ARG A 276 19.35 -0.08 -18.63
C ARG A 276 19.47 -1.40 -17.86
N SER A 277 18.49 -2.29 -17.97
CA SER A 277 18.31 -3.47 -17.07
C SER A 277 17.06 -4.25 -17.48
N ARG A 278 17.11 -5.56 -17.31
CA ARG A 278 15.89 -6.38 -17.40
C ARG A 278 15.66 -7.01 -16.03
N PHE A 279 14.41 -7.11 -15.62
CA PHE A 279 14.04 -7.88 -14.41
C PHE A 279 13.03 -8.94 -14.81
N PRO A 280 13.10 -10.14 -14.21
CA PRO A 280 12.01 -11.12 -14.30
C PRO A 280 10.76 -10.63 -13.55
N TRP A 281 9.58 -10.88 -14.13
CA TRP A 281 8.26 -10.50 -13.56
C TRP A 281 7.20 -11.56 -13.89
N ASP A 282 6.65 -12.21 -12.86
CA ASP A 282 5.62 -13.25 -13.03
C ASP A 282 4.26 -12.67 -12.64
N MET A 283 3.24 -13.01 -13.43
CA MET A 283 1.82 -12.87 -13.05
C MET A 283 1.45 -14.15 -12.32
N ALA A 284 1.07 -14.03 -11.04
CA ALA A 284 0.83 -15.16 -10.12
C ALA A 284 -0.22 -14.77 -9.08
N GLU A 285 -0.93 -15.78 -8.58
CA GLU A 285 -1.82 -15.67 -7.40
C GLU A 285 -1.20 -16.57 -6.33
N LEU A 286 -0.33 -16.04 -5.46
CA LEU A 286 0.30 -16.87 -4.41
C LEU A 286 0.33 -16.09 -3.10
N VAL A 287 -0.34 -16.61 -2.09
CA VAL A 287 -0.54 -15.88 -0.82
C VAL A 287 -0.02 -16.74 0.33
N ALA A 288 0.87 -16.15 1.13
CA ALA A 288 1.48 -16.75 2.34
C ALA A 288 0.37 -17.24 3.25
N ASP A 289 0.60 -18.40 3.86
CA ASP A 289 -0.24 -19.04 4.91
C ASP A 289 -0.31 -18.17 6.15
N ALA A 290 0.76 -17.45 6.48
CA ALA A 290 0.90 -16.65 7.71
C ALA A 290 1.72 -15.40 7.38
N PHE A 291 1.33 -14.21 7.87
CA PHE A 291 2.07 -12.95 7.57
C PHE A 291 2.95 -12.61 8.76
N VAL A 292 2.85 -13.37 9.85
CA VAL A 292 3.69 -13.15 11.06
C VAL A 292 4.26 -14.49 11.51
N SER A 293 5.57 -14.54 11.71
CA SER A 293 6.29 -15.69 12.31
C SER A 293 7.19 -15.12 13.41
N ASP A 294 6.65 -15.14 14.63
CA ASP A 294 7.33 -14.62 15.84
C ASP A 294 7.79 -13.20 15.57
N ARG A 295 9.07 -12.96 15.26
CA ARG A 295 9.57 -11.56 15.16
C ARG A 295 9.68 -11.16 13.69
N VAL A 296 9.19 -11.99 12.76
CA VAL A 296 9.23 -11.67 11.31
C VAL A 296 7.81 -11.38 10.80
N LEU A 297 7.66 -10.21 10.17
CA LEU A 297 6.40 -9.76 9.54
C LEU A 297 6.60 -9.79 8.03
N VAL A 298 5.76 -10.54 7.34
CA VAL A 298 5.84 -10.62 5.87
C VAL A 298 4.82 -9.63 5.29
N ALA A 299 5.28 -8.68 4.50
CA ALA A 299 4.41 -7.72 3.79
C ALA A 299 4.69 -7.80 2.29
N GLY A 300 3.78 -7.27 1.50
CA GLY A 300 4.04 -6.96 0.08
C GLY A 300 3.97 -8.21 -0.74
N ASP A 301 4.62 -8.23 -1.90
CA ASP A 301 4.61 -9.40 -2.83
C ASP A 301 5.14 -10.65 -2.09
N ALA A 302 5.99 -10.49 -1.08
CA ALA A 302 6.42 -11.63 -0.23
C ALA A 302 5.19 -12.28 0.45
N ALA A 303 4.17 -11.48 0.78
CA ALA A 303 2.92 -11.95 1.41
C ALA A 303 1.89 -12.36 0.36
N HIS A 304 1.86 -11.67 -0.79
CA HIS A 304 0.77 -11.82 -1.76
C HIS A 304 1.19 -11.36 -3.13
N GLN A 305 1.58 -12.31 -3.96
CA GLN A 305 1.59 -12.08 -5.43
C GLN A 305 0.13 -12.05 -5.88
N ILE A 306 -0.21 -10.99 -6.57
CA ILE A 306 -1.59 -10.67 -7.01
C ILE A 306 -1.51 -10.45 -8.52
N PRO A 307 -2.41 -11.06 -9.32
CA PRO A 307 -2.40 -10.78 -10.76
C PRO A 307 -2.57 -9.29 -10.95
N PRO A 308 -1.77 -8.70 -11.88
CA PRO A 308 -1.58 -7.24 -12.00
C PRO A 308 -2.72 -6.40 -12.61
N THR A 309 -3.75 -7.04 -13.14
CA THR A 309 -4.94 -6.38 -13.71
C THR A 309 -5.69 -5.61 -12.61
N GLY A 310 -5.53 -4.28 -12.57
CA GLY A 310 -6.14 -3.43 -11.52
C GLY A 310 -5.09 -2.91 -10.56
N GLY A 311 -3.89 -3.50 -10.56
CA GLY A 311 -2.73 -2.96 -9.83
C GLY A 311 -2.94 -3.09 -8.34
N TYR A 312 -3.65 -4.14 -7.95
CA TYR A 312 -4.08 -4.35 -6.56
C TYR A 312 -2.88 -4.67 -5.67
N GLY A 313 -1.89 -5.38 -6.21
CA GLY A 313 -0.70 -5.84 -5.46
C GLY A 313 -0.04 -4.68 -4.73
N ALA A 314 0.35 -3.65 -5.49
CA ALA A 314 1.22 -2.56 -5.02
C ALA A 314 0.47 -1.75 -3.97
N ASN A 315 -0.82 -1.51 -4.24
CA ASN A 315 -1.80 -0.88 -3.31
C ASN A 315 -1.98 -1.70 -2.04
N THR A 316 -2.25 -3.00 -2.17
CA THR A 316 -2.45 -3.90 -1.00
C THR A 316 -1.21 -3.82 -0.09
N GLY A 317 0.00 -3.89 -0.70
CA GLY A 317 1.28 -3.93 0.02
C GLY A 317 1.56 -2.65 0.79
N ILE A 318 1.17 -1.49 0.29
CA ILE A 318 1.32 -0.20 1.02
C ILE A 318 0.37 -0.26 2.23
N ALA A 319 -0.86 -0.76 2.04
CA ALA A 319 -1.87 -0.98 3.12
C ALA A 319 -1.32 -1.96 4.17
N ASP A 320 -0.61 -3.01 3.73
CA ASP A 320 0.16 -3.91 4.64
C ASP A 320 1.09 -3.06 5.51
N ALA A 321 1.90 -2.21 4.88
CA ALA A 321 2.98 -1.43 5.54
C ALA A 321 2.36 -0.49 6.58
N PHE A 322 1.20 0.08 6.23
CA PHE A 322 0.47 1.09 7.04
C PHE A 322 -0.11 0.41 8.27
N ASN A 323 -0.67 -0.77 8.06
CA ASN A 323 -1.26 -1.61 9.13
C ASN A 323 -0.17 -1.94 10.15
N LEU A 324 0.96 -2.53 9.74
CA LEU A 324 1.92 -3.12 10.70
C LEU A 324 2.73 -2.01 11.39
N SER A 325 2.84 -0.84 10.76
CA SER A 325 3.86 0.14 11.16
C SER A 325 3.57 0.66 12.57
N TRP A 326 2.42 1.26 12.78
CA TRP A 326 2.07 1.88 14.09
C TRP A 326 2.03 0.78 15.16
N LYS A 327 1.58 -0.40 14.75
CA LYS A 327 1.50 -1.57 15.65
C LYS A 327 2.90 -1.82 16.23
N LEU A 328 3.92 -1.90 15.35
CA LEU A 328 5.32 -2.13 15.77
C LEU A 328 5.72 -0.99 16.72
N ALA A 329 5.36 0.23 16.38
CA ALA A 329 5.71 1.45 17.14
C ALA A 329 5.12 1.33 18.55
N HIS A 330 3.89 0.86 18.65
CA HIS A 330 3.18 0.72 19.94
C HIS A 330 3.82 -0.42 20.74
N VAL A 331 4.19 -1.51 20.08
CA VAL A 331 4.85 -2.68 20.73
C VAL A 331 6.23 -2.22 21.19
N LEU A 332 6.94 -1.50 20.35
CA LEU A 332 8.35 -1.18 20.62
C LEU A 332 8.41 -0.19 21.81
N ALA A 333 7.37 0.63 22.00
CA ALA A 333 7.32 1.67 23.05
C ALA A 333 6.68 1.13 24.34
N GLY A 334 6.26 -0.14 24.36
CA GLY A 334 5.72 -0.81 25.55
C GLY A 334 4.31 -0.35 25.86
N THR A 335 3.65 0.29 24.90
CA THR A 335 2.25 0.75 25.05
C THR A 335 1.29 -0.33 24.56
N ALA A 336 1.78 -1.32 23.81
CA ALA A 336 0.96 -2.42 23.27
C ALA A 336 1.60 -3.78 23.59
N GLY A 337 0.79 -4.78 23.89
CA GLY A 337 1.26 -6.17 24.01
C GLY A 337 1.77 -6.67 22.68
N ARG A 338 2.75 -7.59 22.70
CA ARG A 338 3.37 -8.19 21.51
C ARG A 338 2.29 -8.82 20.62
N ALA A 339 1.19 -9.29 21.21
CA ALA A 339 0.06 -9.90 20.47
C ALA A 339 -0.61 -8.87 19.56
N LEU A 340 -0.40 -7.56 19.77
CA LEU A 340 -0.93 -6.55 18.82
C LEU A 340 -0.48 -6.88 17.38
N LEU A 341 0.76 -7.35 17.20
CA LEU A 341 1.37 -7.65 15.87
C LEU A 341 0.64 -8.81 15.22
N ASP A 342 0.19 -9.77 16.01
CA ASP A 342 -0.58 -10.93 15.49
C ASP A 342 -1.76 -10.40 14.67
N THR A 343 -2.32 -9.23 15.04
CA THR A 343 -3.52 -8.65 14.37
C THR A 343 -3.18 -8.19 12.96
N TYR A 344 -1.90 -7.97 12.66
CA TYR A 344 -1.44 -7.68 11.27
C TYR A 344 -1.87 -8.90 10.43
N ASP A 345 -1.41 -10.08 10.81
CA ASP A 345 -1.86 -11.35 10.16
C ASP A 345 -3.40 -11.40 10.13
N GLU A 346 -4.08 -11.19 11.26
CA GLU A 346 -5.55 -11.35 11.33
C GLU A 346 -6.28 -10.44 10.34
N GLU A 347 -5.80 -9.20 10.21
CA GLU A 347 -6.48 -8.15 9.41
C GLU A 347 -6.07 -8.28 7.94
N ARG A 348 -4.78 -8.40 7.64
CA ARG A 348 -4.21 -8.23 6.27
C ARG A 348 -4.13 -9.54 5.48
N ARG A 349 -4.14 -10.71 6.12
CA ARG A 349 -4.06 -11.97 5.34
C ARG A 349 -5.37 -12.21 4.59
N PRO A 350 -6.53 -12.13 5.25
CA PRO A 350 -7.81 -12.30 4.56
C PRO A 350 -7.91 -11.29 3.41
N VAL A 351 -7.51 -10.05 3.69
CA VAL A 351 -7.48 -8.98 2.64
C VAL A 351 -6.51 -9.41 1.54
N GLY A 352 -5.32 -9.88 1.92
CA GLY A 352 -4.33 -10.33 0.93
C GLY A 352 -4.95 -11.37 0.02
N LEU A 353 -5.52 -12.40 0.64
CA LEU A 353 -6.06 -13.56 -0.08
C LEU A 353 -7.23 -13.12 -0.98
N TYR A 354 -8.18 -12.36 -0.42
CA TYR A 354 -9.34 -11.79 -1.15
C TYR A 354 -8.83 -10.97 -2.35
N THR A 355 -7.85 -10.09 -2.14
CA THR A 355 -7.36 -9.18 -3.20
C THR A 355 -6.72 -9.98 -4.34
N ALA A 356 -5.86 -10.95 -4.02
CA ALA A 356 -5.20 -11.85 -4.98
C ALA A 356 -6.25 -12.50 -5.90
N ARG A 357 -7.32 -13.00 -5.31
CA ARG A 357 -8.47 -13.60 -6.04
C ARG A 357 -9.18 -12.55 -6.87
N GLN A 358 -9.34 -11.35 -6.32
CA GLN A 358 -9.87 -10.17 -7.07
C GLN A 358 -8.98 -9.93 -8.29
N GLY A 359 -7.65 -9.91 -8.13
CA GLY A 359 -6.72 -9.78 -9.27
C GLY A 359 -6.98 -10.85 -10.33
N SER A 360 -7.20 -12.09 -9.91
CA SER A 360 -7.49 -13.19 -10.87
C SER A 360 -8.82 -12.92 -11.58
N LEU A 361 -9.85 -12.42 -10.88
CA LEU A 361 -11.15 -12.16 -11.53
C LEU A 361 -10.94 -11.14 -12.65
N GLN A 362 -10.26 -10.05 -12.32
CA GLN A 362 -9.91 -8.95 -13.25
C GLN A 362 -9.06 -9.50 -14.39
N LEU A 363 -8.03 -10.30 -14.13
CA LEU A 363 -7.21 -10.86 -15.24
C LEU A 363 -8.15 -11.61 -16.18
N ALA A 364 -9.11 -12.36 -15.62
CA ALA A 364 -10.07 -13.17 -16.39
C ALA A 364 -11.06 -12.24 -17.11
N VAL A 365 -11.54 -11.18 -16.46
CA VAL A 365 -12.47 -10.23 -17.13
C VAL A 365 -11.72 -9.50 -18.24
N ARG A 366 -10.47 -9.10 -18.04
CA ARG A 366 -9.71 -8.36 -19.08
C ARG A 366 -9.31 -9.29 -20.24
N SER A 367 -8.91 -10.54 -20.01
CA SER A 367 -8.48 -11.43 -21.12
C SER A 367 -9.72 -11.91 -21.92
N ARG A 368 -10.92 -11.61 -21.43
CA ARG A 368 -12.23 -11.97 -22.03
C ARG A 368 -12.44 -13.51 -21.94
N THR A 369 -12.06 -14.11 -20.82
CA THR A 369 -12.23 -15.57 -20.53
C THR A 369 -13.01 -15.78 -19.23
N ALA A 370 -13.68 -14.76 -18.70
CA ALA A 370 -14.49 -14.85 -17.46
C ALA A 370 -15.86 -15.48 -17.78
N THR A 371 -16.29 -16.36 -16.89
CA THR A 371 -17.66 -16.90 -16.67
C THR A 371 -18.52 -15.74 -16.16
N GLU A 372 -19.84 -15.81 -16.19
CA GLU A 372 -20.67 -14.72 -15.62
C GLU A 372 -20.50 -14.69 -14.10
N GLU A 373 -20.06 -15.81 -13.52
CA GLU A 373 -19.83 -15.94 -12.06
C GLU A 373 -18.55 -15.17 -11.70
N GLN A 374 -17.48 -15.31 -12.49
CA GLN A 374 -16.26 -14.48 -12.31
C GLN A 374 -16.61 -13.00 -12.47
N ARG A 375 -17.45 -12.63 -13.45
CA ARG A 375 -17.85 -11.21 -13.67
C ARG A 375 -18.74 -10.74 -12.51
N GLU A 376 -19.62 -11.59 -11.98
CA GLU A 376 -20.53 -11.30 -10.83
C GLU A 376 -19.71 -11.02 -9.57
N ALA A 377 -18.63 -11.77 -9.33
CA ALA A 377 -17.82 -11.77 -8.09
C ALA A 377 -16.77 -10.67 -8.13
N ALA A 378 -16.47 -10.11 -9.30
CA ALA A 378 -15.48 -9.03 -9.49
C ALA A 378 -16.01 -7.72 -8.89
N HIS A 379 -15.31 -7.20 -7.88
CA HIS A 379 -15.66 -5.95 -7.15
C HIS A 379 -14.93 -4.75 -7.75
N ASP A 380 -15.64 -3.63 -7.81
CA ASP A 380 -15.10 -2.25 -7.97
C ASP A 380 -13.78 -2.18 -7.21
N ALA A 381 -12.80 -1.49 -7.76
CA ALA A 381 -11.46 -1.31 -7.17
C ALA A 381 -11.57 -0.49 -5.89
N MET A 382 -12.62 0.35 -5.79
CA MET A 382 -12.85 1.21 -4.61
C MET A 382 -13.36 0.31 -3.47
N ARG A 383 -14.10 -0.73 -3.79
CA ARG A 383 -14.61 -1.68 -2.78
C ARG A 383 -13.45 -2.53 -2.29
N VAL A 384 -12.55 -2.90 -3.22
CA VAL A 384 -11.37 -3.76 -2.91
C VAL A 384 -10.42 -2.97 -2.00
N THR A 385 -10.19 -1.68 -2.28
CA THR A 385 -9.09 -0.93 -1.63
C THR A 385 -9.58 -0.09 -0.47
N MET A 386 -10.86 0.30 -0.44
CA MET A 386 -11.39 1.24 0.59
C MET A 386 -12.50 0.59 1.44
N GLY A 387 -13.19 -0.44 0.97
CA GLY A 387 -14.39 -0.95 1.65
C GLY A 387 -14.11 -2.08 2.63
N GLN A 388 -12.88 -2.23 3.10
CA GLN A 388 -12.47 -3.40 3.92
C GLN A 388 -13.05 -3.27 5.32
N ALA A 389 -13.57 -4.39 5.82
CA ALA A 389 -13.98 -4.61 7.21
C ALA A 389 -13.18 -5.81 7.68
N TYR A 390 -12.12 -5.56 8.48
CA TYR A 390 -11.23 -6.64 8.97
C TYR A 390 -12.10 -7.63 9.75
N PRO A 391 -11.99 -8.95 9.52
CA PRO A 391 -12.88 -9.91 10.18
C PRO A 391 -12.71 -9.91 11.70
N SER A 392 -11.48 -9.66 12.15
CA SER A 392 -11.05 -9.65 13.58
C SER A 392 -9.70 -8.93 13.61
N GLY A 393 -9.24 -8.48 14.77
CA GLY A 393 -7.95 -7.78 14.92
C GLY A 393 -7.97 -6.75 16.02
N ALA A 394 -7.30 -5.64 15.80
CA ALA A 394 -7.03 -4.61 16.83
C ALA A 394 -8.22 -3.63 16.89
N PHE A 395 -9.43 -4.13 17.14
CA PHE A 395 -10.64 -3.32 17.36
C PHE A 395 -11.63 -4.11 18.23
N VAL A 396 -12.67 -3.43 18.68
CA VAL A 396 -13.77 -3.99 19.52
C VAL A 396 -15.07 -3.83 18.71
N ALA A 397 -15.71 -4.94 18.33
CA ALA A 397 -16.92 -4.88 17.49
C ALA A 397 -18.04 -4.23 18.30
N ASP A 398 -19.04 -3.67 17.61
CA ASP A 398 -20.34 -3.25 18.20
C ASP A 398 -21.17 -4.50 18.55
N ALA A 399 -21.62 -4.60 19.80
CA ALA A 399 -22.66 -5.56 20.21
C ALA A 399 -23.90 -5.33 19.33
N GLY A 400 -24.54 -6.42 18.89
CA GLY A 400 -25.88 -6.43 18.26
C GLY A 400 -25.86 -6.08 16.77
N ALA A 401 -25.09 -5.04 16.36
CA ALA A 401 -24.90 -4.64 14.95
C ALA A 401 -24.25 -5.81 14.20
N ASP A 402 -24.93 -6.31 13.15
CA ASP A 402 -24.52 -7.49 12.35
C ASP A 402 -23.15 -7.21 11.76
N PRO A 403 -22.18 -8.15 11.78
CA PRO A 403 -20.84 -7.87 11.23
C PRO A 403 -20.86 -7.57 9.71
N LEU A 404 -19.84 -6.87 9.23
CA LEU A 404 -19.66 -6.61 7.78
C LEU A 404 -18.89 -7.77 7.15
N PRO A 405 -19.16 -8.08 5.87
CA PRO A 405 -18.24 -8.86 5.04
C PRO A 405 -16.92 -8.12 4.81
N LEU A 406 -15.99 -8.81 4.16
CA LEU A 406 -14.57 -8.39 4.06
C LEU A 406 -14.49 -7.06 3.32
N THR A 407 -15.31 -6.89 2.29
CA THR A 407 -15.43 -5.63 1.54
C THR A 407 -16.91 -5.35 1.30
N SER A 408 -17.26 -4.07 1.39
CA SER A 408 -18.55 -3.50 0.89
C SER A 408 -18.27 -2.22 0.13
N ASP A 409 -19.27 -1.74 -0.61
CA ASP A 409 -19.28 -0.38 -1.20
C ASP A 409 -18.87 0.55 -0.06
N PRO A 410 -17.76 1.30 -0.18
CA PRO A 410 -17.29 2.18 0.88
C PRO A 410 -18.26 3.32 1.24
N ARG A 411 -19.22 3.63 0.36
CA ARG A 411 -20.25 4.68 0.59
C ARG A 411 -21.29 4.16 1.60
N THR A 412 -21.41 2.84 1.78
CA THR A 412 -22.35 2.24 2.77
C THR A 412 -21.68 2.16 4.15
N LEU A 413 -20.37 2.29 4.28
CA LEU A 413 -19.66 2.15 5.58
C LEU A 413 -19.96 3.36 6.45
N ARG A 414 -20.26 3.13 7.72
CA ARG A 414 -20.64 4.18 8.70
C ARG A 414 -19.82 4.01 9.98
N GLY A 415 -18.51 3.84 9.91
CA GLY A 415 -17.59 3.86 11.09
C GLY A 415 -17.66 2.60 11.95
N GLU A 416 -18.12 1.48 11.39
CA GLU A 416 -18.07 0.15 12.06
C GLU A 416 -16.61 -0.06 12.45
N PRO A 417 -16.30 -0.46 13.69
CA PRO A 417 -14.93 -0.88 14.03
C PRO A 417 -14.37 -1.88 13.02
N GLY A 418 -13.10 -1.73 12.65
CA GLY A 418 -12.43 -2.57 11.65
C GLY A 418 -12.55 -2.00 10.25
N THR A 419 -13.18 -0.82 10.11
CA THR A 419 -13.37 -0.10 8.82
C THR A 419 -12.71 1.28 8.89
N ARG A 420 -12.41 1.80 7.71
CA ARG A 420 -11.94 3.18 7.45
C ARG A 420 -12.90 4.20 8.05
N ALA A 421 -12.55 4.76 9.22
CA ALA A 421 -13.18 5.98 9.79
C ALA A 421 -13.56 6.92 8.65
N PRO A 422 -14.87 7.20 8.44
CA PRO A 422 -15.34 7.90 7.25
C PRO A 422 -14.76 9.31 7.02
N TYR A 423 -14.83 9.75 5.77
CA TYR A 423 -14.40 11.09 5.28
C TYR A 423 -15.52 12.10 5.49
N VAL A 424 -15.28 13.06 6.37
CA VAL A 424 -16.25 14.12 6.69
C VAL A 424 -15.51 15.45 6.52
N VAL A 425 -16.04 16.30 5.65
CA VAL A 425 -15.41 17.62 5.34
C VAL A 425 -15.67 18.52 6.54
N LEU A 426 -14.61 19.16 7.05
CA LEU A 426 -14.61 20.10 8.20
C LEU A 426 -14.03 21.46 7.76
N GLU A 427 -14.01 22.42 8.69
CA GLU A 427 -13.34 23.74 8.55
C GLU A 427 -12.73 24.09 9.91
N ARG A 428 -11.47 24.55 9.93
CA ARG A 428 -10.79 25.15 11.11
C ARG A 428 -10.31 26.56 10.75
N ASP A 429 -10.92 27.58 11.35
CA ASP A 429 -10.62 29.03 11.11
C ASP A 429 -10.86 29.39 9.65
N GLY A 430 -11.94 28.91 9.01
CA GLY A 430 -12.24 29.14 7.59
C GLY A 430 -11.48 28.19 6.63
N ALA A 431 -10.39 27.55 7.07
CA ALA A 431 -9.49 26.69 6.24
C ALA A 431 -10.04 25.25 6.15
N PRO A 432 -10.24 24.71 4.91
CA PRO A 432 -10.68 23.33 4.72
C PRO A 432 -9.85 22.24 5.42
N LEU A 433 -10.51 21.13 5.76
CA LEU A 433 -9.96 20.01 6.56
C LEU A 433 -10.82 18.76 6.32
N SER A 434 -10.40 17.59 6.80
CA SER A 434 -11.28 16.42 6.99
C SER A 434 -10.89 15.62 8.23
N THR A 435 -11.82 14.79 8.70
CA THR A 435 -11.56 13.66 9.62
C THR A 435 -10.21 13.01 9.29
N LEU A 436 -9.87 12.80 8.00
CA LEU A 436 -8.64 12.08 7.58
C LEU A 436 -7.38 12.83 8.00
N ASP A 437 -7.38 14.18 7.85
CA ASP A 437 -6.26 15.04 8.29
C ASP A 437 -6.00 14.82 9.78
N LEU A 438 -7.02 14.45 10.55
CA LEU A 438 -6.89 14.23 12.02
C LEU A 438 -6.12 12.93 12.29
N PHE A 439 -6.23 11.92 11.44
CA PHE A 439 -5.69 10.56 11.69
C PHE A 439 -4.29 10.45 11.13
N GLY A 440 -3.54 9.41 11.52
CA GLY A 440 -2.21 9.09 10.94
C GLY A 440 -1.06 9.23 11.92
N ASP A 441 -1.25 9.90 13.08
CA ASP A 441 -0.17 10.30 14.03
C ASP A 441 -0.24 9.58 15.37
N GLY A 442 -1.34 8.94 15.68
CA GLY A 442 -1.61 8.38 17.02
C GLY A 442 -3.08 8.08 17.17
N PHE A 443 -3.51 7.57 18.31
CA PHE A 443 -4.96 7.34 18.56
C PHE A 443 -5.66 8.70 18.64
N VAL A 444 -6.79 8.77 17.96
CA VAL A 444 -7.68 9.96 17.85
C VAL A 444 -9.02 9.53 18.44
N LEU A 445 -9.57 10.29 19.40
CA LEU A 445 -10.97 10.10 19.85
C LEU A 445 -11.78 11.26 19.30
N LEU A 446 -12.79 10.95 18.48
CA LEU A 446 -13.72 11.95 17.90
C LEU A 446 -15.03 11.83 18.67
N VAL A 447 -15.76 12.93 18.75
CA VAL A 447 -17.02 12.94 19.54
C VAL A 447 -18.00 13.90 18.88
N GLY A 448 -19.28 13.64 19.06
CA GLY A 448 -20.34 14.49 18.49
C GLY A 448 -20.53 15.78 19.28
N ALA A 449 -21.50 16.59 18.86
CA ALA A 449 -21.77 17.94 19.40
C ALA A 449 -22.03 17.85 20.91
N ASP A 450 -22.66 16.77 21.37
CA ASP A 450 -23.14 16.61 22.78
C ASP A 450 -22.14 15.81 23.59
N GLY A 451 -20.92 15.65 23.10
CA GLY A 451 -19.94 14.67 23.59
C GLY A 451 -18.72 15.34 24.16
N GLY A 452 -18.87 16.58 24.66
CA GLY A 452 -17.80 17.33 25.34
C GLY A 452 -17.15 16.54 26.47
N SER A 453 -17.91 15.76 27.26
CA SER A 453 -17.36 14.99 28.41
C SER A 453 -16.30 13.97 27.95
N TRP A 454 -16.33 13.57 26.68
CA TRP A 454 -15.45 12.49 26.15
C TRP A 454 -14.00 12.95 26.13
N ALA A 455 -13.75 14.25 26.35
CA ALA A 455 -12.38 14.81 26.48
C ALA A 455 -11.73 14.29 27.76
N GLU A 456 -12.47 14.33 28.88
CA GLU A 456 -12.00 13.77 30.17
C GLU A 456 -11.80 12.27 29.96
N ALA A 457 -12.72 11.60 29.28
CA ALA A 457 -12.64 10.16 28.96
C ALA A 457 -11.30 9.86 28.29
N ALA A 458 -10.91 10.67 27.31
CA ALA A 458 -9.67 10.51 26.52
C ALA A 458 -8.45 10.74 27.41
N GLY A 459 -8.51 11.77 28.26
CA GLY A 459 -7.52 12.08 29.31
C GLY A 459 -7.26 10.88 30.18
N GLU A 460 -8.31 10.26 30.73
CA GLU A 460 -8.16 9.13 31.68
C GLU A 460 -7.44 7.96 31.00
N ALA A 461 -7.94 7.54 29.82
CA ALA A 461 -7.43 6.37 29.07
C ALA A 461 -5.97 6.62 28.69
N ALA A 462 -5.70 7.81 28.14
CA ALA A 462 -4.34 8.26 27.77
C ALA A 462 -3.41 8.11 28.97
N ALA A 463 -3.77 8.71 30.11
CA ALA A 463 -2.98 8.65 31.36
C ALA A 463 -2.88 7.20 31.85
N GLY A 464 -4.02 6.53 31.99
CA GLY A 464 -4.13 5.13 32.48
C GLY A 464 -3.22 4.16 31.73
N LEU A 465 -3.06 4.32 30.41
CA LEU A 465 -2.41 3.35 29.50
C LEU A 465 -1.10 3.93 28.94
N GLY A 466 -0.82 5.22 29.16
CA GLY A 466 0.46 5.86 28.80
C GLY A 466 0.61 6.02 27.29
N VAL A 467 -0.48 6.32 26.60
CA VAL A 467 -0.58 6.43 25.12
C VAL A 467 -1.32 7.73 24.81
N GLY A 468 -0.84 8.48 23.82
CA GLY A 468 -1.48 9.73 23.37
C GLY A 468 -2.83 9.44 22.77
N ILE A 469 -3.84 10.25 23.11
CA ILE A 469 -5.21 10.19 22.54
C ILE A 469 -5.61 11.62 22.20
N ALA A 470 -5.55 11.96 20.92
CA ALA A 470 -5.90 13.28 20.38
C ALA A 470 -7.42 13.37 20.30
N PHE A 471 -8.01 14.18 21.18
CA PHE A 471 -9.48 14.40 21.26
C PHE A 471 -9.87 15.49 20.28
N HIS A 472 -10.91 15.28 19.48
CA HIS A 472 -11.57 16.35 18.67
C HIS A 472 -13.08 16.14 18.76
N ARG A 473 -13.78 17.14 19.30
CA ARG A 473 -15.26 17.23 19.18
C ARG A 473 -15.60 17.77 17.80
N VAL A 474 -16.54 17.11 17.11
CA VAL A 474 -17.03 17.51 15.76
C VAL A 474 -18.43 18.08 15.89
N ALA A 475 -18.57 19.40 15.83
CA ALA A 475 -19.82 20.13 16.11
C ALA A 475 -20.11 21.14 15.01
N PRO A 476 -21.38 21.32 14.59
CA PRO A 476 -21.74 22.16 13.43
C PRO A 476 -21.66 23.69 13.56
N ASP A 477 -21.21 24.24 14.70
CA ASP A 477 -20.99 25.70 14.90
C ASP A 477 -19.55 25.94 15.36
N ALA A 478 -19.04 27.12 15.01
CA ALA A 478 -17.60 27.48 14.93
C ALA A 478 -16.89 27.12 16.25
N GLY A 479 -16.11 28.06 16.79
CA GLY A 479 -15.04 27.81 17.75
C GLY A 479 -13.70 28.03 17.07
N GLU A 480 -13.00 29.10 17.44
CA GLU A 480 -11.62 29.38 16.98
C GLU A 480 -10.76 28.13 17.19
N GLY A 481 -10.17 27.62 16.11
CA GLY A 481 -9.20 26.51 16.11
C GLY A 481 -9.88 25.16 16.32
N ARG A 482 -11.22 25.14 16.33
CA ARG A 482 -12.03 23.91 16.53
C ARG A 482 -12.54 23.45 15.18
N PRO A 483 -12.44 22.14 14.88
CA PRO A 483 -13.08 21.55 13.69
C PRO A 483 -14.59 21.83 13.61
N VAL A 484 -15.03 22.44 12.51
CA VAL A 484 -16.46 22.75 12.26
C VAL A 484 -17.03 21.69 11.32
N ASP A 485 -18.10 21.01 11.76
CA ASP A 485 -18.88 20.05 10.95
C ASP A 485 -19.76 20.88 10.02
N VAL A 486 -19.24 21.21 8.84
CA VAL A 486 -19.80 22.26 7.93
C VAL A 486 -21.26 21.91 7.64
N HIS A 487 -21.55 20.70 7.14
CA HIS A 487 -22.90 20.26 6.67
C HIS A 487 -23.60 19.32 7.66
N GLY A 488 -23.14 19.22 8.92
CA GLY A 488 -23.79 18.47 10.02
C GLY A 488 -23.90 16.96 9.76
N ARG A 489 -22.84 16.33 9.28
CA ARG A 489 -22.86 14.91 8.78
C ARG A 489 -22.18 13.96 9.77
N TRP A 490 -21.34 14.46 10.69
CA TRP A 490 -20.31 13.65 11.40
C TRP A 490 -20.96 12.43 12.08
N ALA A 491 -21.98 12.66 12.90
CA ALA A 491 -22.67 11.65 13.73
C ALA A 491 -23.24 10.53 12.85
N GLU A 492 -24.09 10.88 11.88
CA GLU A 492 -24.69 9.93 10.89
C GLU A 492 -23.55 9.10 10.25
N ALA A 493 -22.52 9.76 9.69
CA ALA A 493 -21.37 9.17 8.94
C ALA A 493 -20.58 8.15 9.77
N TYR A 494 -20.44 8.39 11.09
CA TYR A 494 -19.69 7.56 12.07
C TYR A 494 -20.60 6.60 12.85
N GLY A 495 -21.91 6.59 12.57
CA GLY A 495 -22.91 5.66 13.13
C GLY A 495 -23.08 5.82 14.63
N VAL A 496 -22.98 7.06 15.12
CA VAL A 496 -23.17 7.39 16.55
C VAL A 496 -24.16 8.56 16.64
N GLY A 497 -24.76 8.74 17.82
CA GLY A 497 -25.51 9.95 18.19
C GLY A 497 -24.56 11.08 18.49
N ALA A 498 -25.10 12.31 18.57
CA ALA A 498 -24.34 13.55 18.88
C ALA A 498 -23.62 13.42 20.23
N ALA A 499 -24.06 12.54 21.15
CA ALA A 499 -23.40 12.38 22.46
C ALA A 499 -22.31 11.29 22.39
N GLY A 500 -22.16 10.64 21.23
CA GLY A 500 -21.32 9.44 21.08
C GLY A 500 -19.83 9.75 20.90
N ALA A 501 -19.00 8.72 20.74
CA ALA A 501 -17.54 8.84 20.48
C ALA A 501 -17.04 7.70 19.59
N VAL A 502 -16.02 7.98 18.79
CA VAL A 502 -15.39 6.97 17.90
C VAL A 502 -13.89 7.08 18.08
N LEU A 503 -13.27 5.97 18.50
CA LEU A 503 -11.80 5.84 18.71
C LEU A 503 -11.20 5.40 17.37
N VAL A 504 -10.31 6.23 16.82
CA VAL A 504 -9.64 5.90 15.53
C VAL A 504 -8.18 5.57 15.81
N ARG A 505 -7.75 4.40 15.34
CA ARG A 505 -6.35 3.92 15.34
C ARG A 505 -5.48 4.84 14.50
N PRO A 506 -4.15 4.74 14.67
CA PRO A 506 -3.20 5.47 13.85
C PRO A 506 -3.32 5.23 12.34
N ASP A 507 -3.92 4.12 11.89
CA ASP A 507 -4.04 3.81 10.45
C ASP A 507 -5.42 4.21 9.95
N GLY A 508 -6.21 4.91 10.77
CA GLY A 508 -7.51 5.48 10.34
C GLY A 508 -8.62 4.45 10.41
N ILE A 509 -8.33 3.26 10.91
CA ILE A 509 -9.35 2.19 11.11
C ILE A 509 -10.04 2.47 12.45
N VAL A 510 -11.37 2.41 12.47
CA VAL A 510 -12.19 2.54 13.70
C VAL A 510 -11.85 1.37 14.60
N ALA A 511 -11.55 1.64 15.86
CA ALA A 511 -11.09 0.68 16.90
C ALA A 511 -12.23 0.33 17.84
N TRP A 512 -13.11 1.32 18.13
CA TRP A 512 -14.19 1.25 19.17
C TRP A 512 -15.17 2.40 18.97
N ARG A 513 -16.42 2.25 19.37
CA ARG A 513 -17.30 3.43 19.48
C ARG A 513 -18.34 3.25 20.57
N SER A 514 -18.85 4.37 21.06
CA SER A 514 -20.05 4.46 21.91
C SER A 514 -21.09 5.23 21.10
N ARG A 515 -22.18 4.57 20.71
CA ARG A 515 -23.30 5.19 19.97
C ARG A 515 -23.89 6.30 20.84
N ASP A 516 -23.94 6.10 22.16
CA ASP A 516 -24.51 7.10 23.10
C ASP A 516 -23.39 7.65 23.98
N GLY A 517 -23.71 8.75 24.68
CA GLY A 517 -22.86 9.32 25.74
C GLY A 517 -22.78 8.35 26.90
N MET A 518 -21.74 8.48 27.72
CA MET A 518 -21.58 7.65 28.94
C MET A 518 -21.43 8.58 30.14
N PRO A 519 -22.37 8.50 31.11
CA PRO A 519 -22.41 9.44 32.22
C PRO A 519 -21.19 9.23 33.12
N GLY A 520 -20.62 10.35 33.58
CA GLY A 520 -19.55 10.38 34.61
C GLY A 520 -18.31 9.62 34.18
N GLY A 521 -17.80 8.75 35.06
CA GLY A 521 -16.54 8.02 34.89
C GLY A 521 -16.65 6.88 33.89
N ALA A 522 -17.88 6.44 33.57
CA ALA A 522 -18.18 5.25 32.73
C ALA A 522 -17.51 5.40 31.35
N GLY A 523 -17.53 6.62 30.79
CA GLY A 523 -16.88 6.95 29.51
C GLY A 523 -15.40 6.61 29.56
N GLY A 524 -14.71 7.08 30.61
CA GLY A 524 -13.28 6.86 30.87
C GLY A 524 -12.94 5.40 31.13
N ARG A 525 -13.73 4.68 31.92
CA ARG A 525 -13.51 3.25 32.21
C ARG A 525 -13.69 2.46 30.90
N ALA A 526 -14.78 2.71 30.17
CA ALA A 526 -15.11 1.99 28.91
C ALA A 526 -13.97 2.17 27.88
N LEU A 527 -13.58 3.42 27.64
CA LEU A 527 -12.58 3.77 26.61
C LEU A 527 -11.26 3.08 26.97
N THR A 528 -10.87 3.09 28.24
CA THR A 528 -9.63 2.45 28.76
C THR A 528 -9.63 0.95 28.42
N ALA A 529 -10.79 0.29 28.61
CA ALA A 529 -10.98 -1.16 28.42
C ALA A 529 -10.98 -1.43 26.92
N ALA A 530 -11.69 -0.60 26.15
CA ALA A 530 -11.71 -0.69 24.68
C ALA A 530 -10.27 -0.66 24.17
N LEU A 531 -9.52 0.38 24.56
CA LEU A 531 -8.13 0.66 24.11
C LEU A 531 -7.15 -0.35 24.73
N ARG A 532 -7.36 -0.77 25.98
CA ARG A 532 -6.56 -1.84 26.62
C ARG A 532 -6.64 -3.11 25.75
N THR A 533 -7.82 -3.47 25.22
CA THR A 533 -8.03 -4.66 24.36
C THR A 533 -7.31 -4.47 23.02
N VAL A 534 -7.48 -3.33 22.35
CA VAL A 534 -6.94 -3.13 20.97
C VAL A 534 -5.41 -3.18 21.06
N LEU A 535 -4.85 -2.75 22.19
CA LEU A 535 -3.39 -2.67 22.41
C LEU A 535 -2.87 -3.93 23.09
N ALA A 536 -3.71 -4.95 23.25
CA ALA A 536 -3.34 -6.28 23.79
C ALA A 536 -2.78 -6.13 25.21
N ARG A 537 -3.54 -5.54 26.12
CA ARG A 537 -3.06 -5.27 27.51
C ARG A 537 -4.18 -5.57 28.51
#